data_9CX8
#
_entry.id   9CX8
#
_cell.length_a   52.351
_cell.length_b   111.528
_cell.length_c   132.600
_cell.angle_alpha   90.00
_cell.angle_beta   90.00
_cell.angle_gamma   90.00
#
_symmetry.space_group_name_H-M   'P 21 21 21'
#
loop_
_entity.id
_entity.type
_entity.pdbx_description
1 polymer Fructosamine-3-kinase
2 non-polymer 'SULFATE ION'
3 non-polymer 1,2-ETHANEDIOL
4 water water
#
_entity_poly.entity_id   1
_entity_poly.type   'polypeptide(L)'
_entity_poly.pdbx_seq_one_letter_code
;AMEQLLRAELRTATLRAFGGPGAGCISEGRAYDTDAGPVFVKVNRRTQARQMFEGEVASLEALRSTGLVRVPRPMKVIDL
PGGGAAFVMEHLKMKSLSSQASKLGEQMADLHLYNQKGSSYVDKFGFHTVTCCGFIPQVNEWQDDWPTFFARHRLQAQLD
LIEKDYADREARELWSRLQVKIPDLFCGLEIVPALLHGDLWSGNVAEDDVGPIIYDPASFYGHSEFELAIALMFGGFPRS
FFTAYHRKIPKAPGFDQRLLLYQLFNYLNHWNHFGREYRSPSLGTMRRLLK
;
_entity_poly.pdbx_strand_id   A,B
#
loop_
_chem_comp.id
_chem_comp.type
_chem_comp.name
_chem_comp.formula
EDO non-polymer 1,2-ETHANEDIOL 'C2 H6 O2'
SO4 non-polymer 'SULFATE ION' 'O4 S -2'
#
# COMPACT_ATOMS: atom_id res chain seq x y z
N ALA A 1 19.54 -17.94 6.57
CA ALA A 1 18.71 -17.44 7.65
C ALA A 1 18.94 -15.99 8.03
N MET A 2 17.90 -15.18 7.91
CA MET A 2 18.11 -13.75 8.12
C MET A 2 18.40 -13.45 9.61
N GLU A 3 17.82 -14.22 10.53
CA GLU A 3 18.13 -14.06 11.95
C GLU A 3 19.58 -14.44 12.27
N GLN A 4 20.13 -15.45 11.57
CA GLN A 4 21.53 -15.78 11.75
C GLN A 4 22.42 -14.65 11.22
N LEU A 5 22.07 -14.08 10.08
CA LEU A 5 22.81 -12.93 9.58
C LEU A 5 22.78 -11.76 10.56
N LEU A 6 21.61 -11.46 11.12
CA LEU A 6 21.55 -10.35 12.07
C LEU A 6 22.39 -10.66 13.30
N ARG A 7 22.29 -11.91 13.82
CA ARG A 7 23.11 -12.24 15.01
C ARG A 7 24.60 -12.06 14.71
N ALA A 8 25.04 -12.48 13.52
CA ALA A 8 26.45 -12.34 13.17
C ALA A 8 26.83 -10.87 13.01
N GLU A 9 26.01 -10.11 12.27
CA GLU A 9 26.40 -8.70 11.99
C GLU A 9 26.32 -7.85 13.24
N LEU A 10 25.42 -8.17 14.16
CA LEU A 10 25.30 -7.41 15.39
C LEU A 10 26.09 -8.03 16.52
N ARG A 11 26.73 -9.17 16.26
CA ARG A 11 27.47 -9.91 17.28
C ARG A 11 26.64 -10.10 18.55
N THR A 12 25.54 -10.82 18.39
CA THR A 12 24.68 -11.09 19.53
C THR A 12 24.24 -12.54 19.55
N ALA A 13 24.16 -13.08 20.77
CA ALA A 13 23.67 -14.44 20.93
C ALA A 13 22.14 -14.48 20.88
N THR A 14 21.49 -13.53 21.52
CA THR A 14 20.03 -13.46 21.53
C THR A 14 19.52 -12.52 20.44
N LEU A 15 18.37 -12.87 19.88
CA LEU A 15 17.69 -12.08 18.89
C LEU A 15 16.22 -12.44 19.02
N ARG A 16 15.60 -11.84 20.04
CA ARG A 16 14.24 -12.18 20.42
C ARG A 16 13.31 -11.12 19.85
N ALA A 17 12.53 -11.51 18.84
CA ALA A 17 11.54 -10.61 18.24
C ALA A 17 10.48 -10.23 19.25
N PHE A 18 10.08 -8.96 19.26
CA PHE A 18 9.04 -8.49 20.15
C PHE A 18 8.31 -7.33 19.51
N GLY A 19 7.16 -6.98 20.09
CA GLY A 19 6.54 -5.69 19.85
C GLY A 19 5.41 -5.69 18.81
N GLY A 20 4.67 -4.56 18.83
CA GLY A 20 3.46 -4.37 18.07
C GLY A 20 3.72 -3.98 16.63
N PRO A 21 2.65 -3.93 15.82
CA PRO A 21 2.84 -3.83 14.37
C PRO A 21 3.28 -2.45 13.88
N GLY A 22 2.98 -1.37 14.62
CA GLY A 22 3.26 -0.05 14.11
C GLY A 22 2.13 0.56 13.29
N ALA A 23 2.47 1.68 12.65
CA ALA A 23 1.47 2.51 11.97
C ALA A 23 0.91 1.84 10.71
N GLY A 24 1.63 0.92 10.10
CA GLY A 24 1.12 0.15 9.00
C GLY A 24 1.43 0.74 7.65
N CYS A 25 0.51 0.52 6.71
CA CYS A 25 0.70 0.80 5.30
C CYS A 25 -0.29 1.88 4.90
N ILE A 26 0.25 3.03 4.48
CA ILE A 26 -0.53 4.24 4.21
C ILE A 26 -1.63 3.97 3.21
N SER A 27 -1.35 3.15 2.21
CA SER A 27 -2.32 2.90 1.15
C SER A 27 -3.38 1.89 1.55
N GLU A 28 -3.22 1.21 2.67
CA GLU A 28 -4.19 0.18 3.03
C GLU A 28 -5.22 0.66 4.04
N GLY A 29 -4.86 1.57 4.92
CA GLY A 29 -5.74 1.99 5.97
C GLY A 29 -4.99 2.07 7.27
N ARG A 30 -5.71 2.33 8.37
CA ARG A 30 -5.06 2.61 9.66
C ARG A 30 -5.84 1.96 10.79
N ALA A 31 -5.12 1.39 11.74
CA ALA A 31 -5.69 0.79 12.94
C ALA A 31 -5.75 1.79 14.08
N TYR A 32 -6.79 1.64 14.89
CA TYR A 32 -7.01 2.50 16.06
C TYR A 32 -7.44 1.66 17.24
N ASP A 33 -6.91 2.00 18.42
CA ASP A 33 -7.51 1.51 19.66
C ASP A 33 -8.77 2.31 20.01
N THR A 34 -9.80 1.63 20.50
CA THR A 34 -11.06 2.26 20.88
C THR A 34 -11.51 1.65 22.22
N ASP A 35 -12.63 2.16 22.75
CA ASP A 35 -13.17 1.66 24.03
C ASP A 35 -13.52 0.17 23.97
N ALA A 36 -13.88 -0.34 22.79
CA ALA A 36 -14.41 -1.70 22.62
C ALA A 36 -13.44 -2.66 21.94
N GLY A 37 -12.21 -2.23 21.69
CA GLY A 37 -11.21 -3.05 21.03
C GLY A 37 -10.66 -2.34 19.81
N PRO A 38 -9.64 -2.91 19.19
CA PRO A 38 -9.06 -2.25 18.01
C PRO A 38 -9.90 -2.41 16.75
N VAL A 39 -9.80 -1.40 15.89
CA VAL A 39 -10.54 -1.38 14.63
C VAL A 39 -9.54 -1.03 13.53
N PHE A 40 -9.90 -1.37 12.32
CA PHE A 40 -9.13 -0.98 11.14
C PHE A 40 -10.04 -0.18 10.24
N VAL A 41 -9.54 0.95 9.71
CA VAL A 41 -10.36 1.84 8.91
C VAL A 41 -9.73 2.00 7.54
N LYS A 42 -10.52 1.77 6.50
CA LYS A 42 -10.11 2.04 5.15
C LYS A 42 -10.84 3.28 4.68
N VAL A 43 -10.18 4.11 3.90
CA VAL A 43 -10.77 5.35 3.40
C VAL A 43 -10.62 5.37 1.90
N ASN A 44 -11.69 5.72 1.18
CA ASN A 44 -11.63 5.87 -0.27
C ASN A 44 -12.47 7.08 -0.62
N ARG A 45 -11.84 8.17 -1.10
CA ARG A 45 -12.60 9.40 -1.35
C ARG A 45 -13.24 9.43 -2.74
N ARG A 46 -13.21 8.34 -3.49
CA ARG A 46 -13.88 8.27 -4.77
C ARG A 46 -15.37 8.01 -4.62
N THR A 47 -16.14 8.43 -5.63
CA THR A 47 -17.59 8.34 -5.53
C THR A 47 -18.10 6.90 -5.46
N GLN A 48 -17.41 5.93 -6.06
CA GLN A 48 -17.85 4.53 -5.98
C GLN A 48 -17.35 3.81 -4.71
N ALA A 49 -16.77 4.54 -3.75
CA ALA A 49 -16.21 3.91 -2.57
C ALA A 49 -17.26 3.14 -1.76
N ARG A 50 -18.47 3.71 -1.59
CA ARG A 50 -19.47 2.97 -0.85
C ARG A 50 -19.74 1.62 -1.51
N GLN A 51 -19.85 1.61 -2.85
CA GLN A 51 -20.12 0.36 -3.57
C GLN A 51 -18.98 -0.64 -3.37
N MET A 52 -17.73 -0.17 -3.43
CA MET A 52 -16.59 -1.02 -3.09
C MET A 52 -16.76 -1.65 -1.73
N PHE A 53 -17.00 -0.81 -0.71
CA PHE A 53 -16.92 -1.36 0.63
C PHE A 53 -18.11 -2.26 0.94
N GLU A 54 -19.27 -1.93 0.37
CA GLU A 54 -20.44 -2.78 0.54
C GLU A 54 -20.16 -4.15 -0.08
N GLY A 55 -19.38 -4.18 -1.18
CA GLY A 55 -19.00 -5.49 -1.72
C GLY A 55 -18.13 -6.27 -0.77
N GLU A 56 -17.21 -5.57 -0.10
CA GLU A 56 -16.37 -6.24 0.88
C GLU A 56 -17.20 -6.68 2.07
N VAL A 57 -18.16 -5.85 2.52
CA VAL A 57 -19.05 -6.29 3.59
C VAL A 57 -19.77 -7.57 3.16
N ALA A 58 -20.32 -7.57 1.94
CA ALA A 58 -21.07 -8.73 1.46
C ALA A 58 -20.17 -9.97 1.44
N SER A 59 -18.93 -9.76 1.00
CA SER A 59 -17.96 -10.86 0.97
C SER A 59 -17.66 -11.36 2.38
N LEU A 60 -17.36 -10.44 3.33
CA LEU A 60 -17.04 -10.89 4.68
C LEU A 60 -18.23 -11.60 5.31
N GLU A 61 -19.46 -11.14 5.00
CA GLU A 61 -20.61 -11.76 5.63
C GLU A 61 -20.82 -13.16 5.08
N ALA A 62 -20.61 -13.31 3.77
CA ALA A 62 -20.78 -14.62 3.15
C ALA A 62 -19.79 -15.60 3.74
N LEU A 63 -18.53 -15.16 3.90
CA LEU A 63 -17.56 -16.05 4.50
C LEU A 63 -17.92 -16.35 5.95
N ARG A 64 -18.34 -15.30 6.71
CA ARG A 64 -18.64 -15.52 8.12
C ARG A 64 -19.78 -16.51 8.25
N SER A 65 -20.70 -16.49 7.29
CA SER A 65 -21.90 -17.33 7.43
C SER A 65 -21.55 -18.81 7.39
N THR A 66 -20.43 -19.15 6.76
CA THR A 66 -20.08 -20.56 6.69
C THR A 66 -19.58 -21.09 8.03
N GLY A 67 -19.13 -20.20 8.92
CA GLY A 67 -18.49 -20.60 10.15
C GLY A 67 -17.16 -21.34 10.01
N LEU A 68 -16.58 -21.38 8.78
CA LEU A 68 -15.40 -22.21 8.56
C LEU A 68 -14.07 -21.49 8.64
N VAL A 69 -14.08 -20.15 8.46
CA VAL A 69 -12.83 -19.39 8.40
C VAL A 69 -13.02 -18.14 9.23
N ARG A 70 -11.94 -17.66 9.81
CA ARG A 70 -12.00 -16.46 10.66
C ARG A 70 -11.67 -15.23 9.82
N VAL A 71 -12.60 -14.27 9.78
CA VAL A 71 -12.41 -13.03 9.02
C VAL A 71 -12.78 -11.89 9.97
N PRO A 72 -12.26 -10.71 9.72
CA PRO A 72 -12.67 -9.57 10.58
C PRO A 72 -14.16 -9.26 10.41
N ARG A 73 -14.80 -8.92 11.52
CA ARG A 73 -16.20 -8.53 11.50
C ARG A 73 -16.37 -7.14 10.90
N PRO A 74 -17.20 -6.96 9.89
CA PRO A 74 -17.46 -5.60 9.41
C PRO A 74 -18.30 -4.84 10.45
N MET A 75 -17.99 -3.54 10.64
CA MET A 75 -18.67 -2.74 11.66
C MET A 75 -19.47 -1.62 11.03
N LYS A 76 -18.85 -0.77 10.21
CA LYS A 76 -19.63 0.34 9.64
C LYS A 76 -19.07 0.84 8.34
N VAL A 77 -19.95 1.27 7.45
CA VAL A 77 -19.55 2.03 6.27
C VAL A 77 -20.10 3.43 6.46
N ILE A 78 -19.22 4.43 6.34
CA ILE A 78 -19.51 5.83 6.69
C ILE A 78 -19.37 6.69 5.45
N ASP A 79 -20.39 7.49 5.13
CA ASP A 79 -20.24 8.36 3.96
C ASP A 79 -19.48 9.64 4.34
N LEU A 80 -18.54 10.04 3.51
CA LEU A 80 -17.68 11.15 3.96
C LEU A 80 -18.06 12.47 3.32
N PRO A 81 -18.02 13.57 4.08
CA PRO A 81 -18.12 14.90 3.46
C PRO A 81 -17.00 15.06 2.44
N GLY A 82 -17.37 15.56 1.27
CA GLY A 82 -16.43 15.74 0.20
C GLY A 82 -16.40 14.60 -0.77
N GLY A 83 -17.04 13.48 -0.44
CA GLY A 83 -17.07 12.35 -1.33
C GLY A 83 -16.46 11.09 -0.77
N GLY A 84 -16.98 9.96 -1.23
CA GLY A 84 -16.38 8.70 -0.83
C GLY A 84 -16.89 8.21 0.51
N ALA A 85 -16.12 7.30 1.10
CA ALA A 85 -16.59 6.59 2.28
C ALA A 85 -15.40 6.06 3.03
N ALA A 86 -15.66 5.74 4.27
CA ALA A 86 -14.75 4.97 5.11
C ALA A 86 -15.42 3.64 5.48
N PHE A 87 -14.61 2.61 5.68
CA PHE A 87 -15.13 1.31 6.11
C PHE A 87 -14.35 0.90 7.35
N VAL A 88 -15.08 0.66 8.44
CA VAL A 88 -14.52 0.24 9.72
C VAL A 88 -14.80 -1.24 9.94
N MET A 89 -13.76 -1.96 10.34
CA MET A 89 -13.93 -3.39 10.66
C MET A 89 -13.12 -3.72 11.90
N GLU A 90 -13.45 -4.86 12.51
CA GLU A 90 -12.64 -5.33 13.63
C GLU A 90 -11.18 -5.51 13.22
N HIS A 91 -10.25 -5.19 14.12
CA HIS A 91 -8.84 -5.41 13.85
C HIS A 91 -8.33 -6.55 14.73
N LEU A 92 -7.67 -7.52 14.14
CA LEU A 92 -7.11 -8.63 14.89
C LEU A 92 -5.62 -8.41 15.06
N LYS A 93 -5.08 -8.73 16.25
CA LYS A 93 -3.63 -8.86 16.42
C LYS A 93 -3.17 -10.06 15.61
N MET A 94 -2.29 -9.85 14.66
CA MET A 94 -2.00 -10.90 13.66
C MET A 94 -0.51 -10.94 13.32
N LYS A 95 -0.05 -12.14 12.95
CA LYS A 95 1.32 -12.38 12.47
C LYS A 95 1.24 -13.14 11.14
N SER A 96 2.38 -13.23 10.45
CA SER A 96 2.43 -13.94 9.18
C SER A 96 1.94 -15.37 9.32
N LEU A 97 1.28 -15.87 8.27
CA LEU A 97 0.87 -17.26 8.28
C LEU A 97 2.10 -18.16 8.27
N SER A 98 2.19 -19.01 9.29
CA SER A 98 3.26 -19.99 9.38
C SER A 98 2.76 -21.23 10.09
N SER A 99 2.68 -21.19 11.41
CA SER A 99 2.29 -22.41 12.11
C SER A 99 0.86 -22.83 11.77
N GLN A 100 0.00 -21.89 11.36
CA GLN A 100 -1.40 -22.23 11.09
C GLN A 100 -1.68 -22.54 9.64
N ALA A 101 -0.63 -22.73 8.83
CA ALA A 101 -0.82 -22.91 7.38
C ALA A 101 -1.61 -24.18 7.06
N SER A 102 -1.23 -25.31 7.65
CA SER A 102 -1.97 -26.54 7.34
C SER A 102 -3.42 -26.42 7.78
N LYS A 103 -3.69 -25.79 8.94
CA LYS A 103 -5.06 -25.58 9.35
C LYS A 103 -5.82 -24.71 8.34
N LEU A 104 -5.20 -23.63 7.88
CA LEU A 104 -5.90 -22.82 6.88
C LEU A 104 -6.13 -23.62 5.59
N GLY A 105 -5.20 -24.49 5.19
CA GLY A 105 -5.48 -25.33 4.01
C GLY A 105 -6.73 -26.17 4.16
N GLU A 106 -6.90 -26.79 5.35
CA GLU A 106 -8.14 -27.50 5.66
C GLU A 106 -9.35 -26.57 5.59
N GLN A 107 -9.24 -25.39 6.18
CA GLN A 107 -10.42 -24.52 6.22
C GLN A 107 -10.81 -24.05 4.82
N MET A 108 -9.83 -23.74 3.99
CA MET A 108 -10.09 -23.26 2.63
C MET A 108 -10.73 -24.39 1.79
N ALA A 109 -10.26 -25.63 1.95
CA ALA A 109 -10.94 -26.72 1.25
C ALA A 109 -12.39 -26.89 1.75
N ASP A 110 -12.59 -26.85 3.07
CA ASP A 110 -13.96 -26.94 3.56
C ASP A 110 -14.82 -25.81 3.00
N LEU A 111 -14.27 -24.59 2.94
CA LEU A 111 -15.01 -23.46 2.37
C LEU A 111 -15.42 -23.72 0.94
N HIS A 112 -14.49 -24.26 0.15
CA HIS A 112 -14.80 -24.53 -1.23
C HIS A 112 -15.82 -25.66 -1.36
N LEU A 113 -15.81 -26.62 -0.43
CA LEU A 113 -16.84 -27.67 -0.47
C LEU A 113 -18.17 -27.26 0.16
N TYR A 114 -18.22 -26.18 0.92
CA TYR A 114 -19.43 -25.81 1.66
C TYR A 114 -20.69 -25.74 0.81
N ASN A 115 -20.60 -25.07 -0.34
CA ASN A 115 -21.79 -24.84 -1.15
C ASN A 115 -22.37 -26.17 -1.63
N GLN A 116 -21.54 -26.96 -2.28
CA GLN A 116 -21.95 -28.26 -2.84
C GLN A 116 -22.57 -29.15 -1.77
N LYS A 117 -22.00 -29.13 -0.57
CA LYS A 117 -22.31 -30.11 0.45
C LYS A 117 -23.40 -29.66 1.39
N GLY A 118 -23.78 -28.40 1.37
CA GLY A 118 -24.73 -27.86 2.31
C GLY A 118 -26.18 -27.95 1.85
N SER A 119 -27.02 -27.15 2.52
CA SER A 119 -28.48 -27.25 2.50
C SER A 119 -29.16 -26.29 1.54
N SER A 120 -28.51 -25.19 1.14
CA SER A 120 -29.09 -24.18 0.25
C SER A 120 -28.08 -23.90 -0.87
N TYR A 121 -28.19 -24.67 -1.93
CA TYR A 121 -27.13 -24.80 -2.91
C TYR A 121 -27.21 -23.68 -3.94
N VAL A 122 -26.11 -22.95 -4.13
CA VAL A 122 -26.03 -21.96 -5.20
C VAL A 122 -25.59 -22.69 -6.46
N ASP A 123 -26.41 -22.64 -7.52
CA ASP A 123 -26.11 -23.50 -8.67
C ASP A 123 -25.63 -22.73 -9.88
N LYS A 124 -25.14 -21.51 -9.68
CA LYS A 124 -24.54 -20.76 -10.75
C LYS A 124 -23.25 -20.12 -10.21
N PHE A 125 -22.48 -19.66 -11.15
CA PHE A 125 -21.23 -18.93 -10.88
C PHE A 125 -21.53 -17.44 -10.90
N GLY A 126 -20.90 -16.71 -10.00
CA GLY A 126 -21.21 -15.29 -9.87
C GLY A 126 -21.49 -14.92 -8.42
N PHE A 127 -22.28 -13.86 -8.20
CA PHE A 127 -22.49 -13.40 -6.85
C PHE A 127 -23.69 -12.45 -6.85
N HIS A 128 -24.28 -12.26 -5.67
CA HIS A 128 -25.50 -11.45 -5.58
C HIS A 128 -25.25 -9.95 -5.62
N THR A 129 -23.99 -9.52 -5.55
CA THR A 129 -23.70 -8.10 -5.63
C THR A 129 -22.33 -7.90 -6.27
N VAL A 130 -22.05 -6.65 -6.64
CA VAL A 130 -20.74 -6.29 -7.17
C VAL A 130 -19.67 -6.38 -6.09
N THR A 131 -18.52 -6.99 -6.43
CA THR A 131 -17.36 -6.96 -5.54
C THR A 131 -16.23 -6.39 -6.38
N CYS A 132 -15.25 -5.75 -5.73
CA CYS A 132 -14.16 -5.14 -6.48
C CYS A 132 -12.91 -6.02 -6.34
N CYS A 133 -12.18 -6.18 -7.42
CA CYS A 133 -10.84 -6.78 -7.37
CA CYS A 133 -10.85 -6.78 -7.38
C CYS A 133 -9.88 -5.60 -7.37
N GLY A 134 -9.30 -5.35 -6.21
CA GLY A 134 -8.53 -4.13 -6.00
C GLY A 134 -9.50 -2.98 -6.13
N PHE A 135 -9.17 -2.07 -7.04
CA PHE A 135 -9.98 -0.88 -7.31
C PHE A 135 -11.02 -1.08 -8.40
N ILE A 136 -11.03 -2.20 -9.12
CA ILE A 136 -11.83 -2.36 -10.35
C ILE A 136 -13.14 -3.07 -10.02
N PRO A 137 -14.31 -2.46 -10.25
CA PRO A 137 -15.56 -3.18 -9.96
C PRO A 137 -15.77 -4.31 -10.95
N GLN A 138 -16.33 -5.39 -10.47
CA GLN A 138 -16.53 -6.57 -11.32
C GLN A 138 -18.00 -6.83 -11.54
N VAL A 139 -18.29 -7.38 -12.70
CA VAL A 139 -19.59 -7.95 -12.97
C VAL A 139 -19.63 -9.37 -12.40
N ASN A 140 -20.67 -9.65 -11.59
CA ASN A 140 -20.87 -10.95 -10.95
C ASN A 140 -22.15 -11.60 -11.40
N GLU A 141 -22.65 -11.16 -12.56
CA GLU A 141 -23.89 -11.67 -13.14
C GLU A 141 -23.87 -13.20 -13.18
N TRP A 142 -24.92 -13.79 -12.62
CA TRP A 142 -24.99 -15.27 -12.52
C TRP A 142 -24.95 -15.94 -13.88
N GLN A 143 -24.18 -17.06 -13.98
CA GLN A 143 -24.02 -17.76 -15.23
C GLN A 143 -23.97 -19.26 -14.91
N ASP A 144 -24.62 -20.07 -15.75
CA ASP A 144 -24.62 -21.51 -15.48
C ASP A 144 -23.26 -22.13 -15.71
N ASP A 145 -22.52 -21.60 -16.68
CA ASP A 145 -21.30 -22.24 -17.18
C ASP A 145 -20.07 -21.48 -16.65
N TRP A 146 -19.17 -22.17 -15.93
CA TRP A 146 -17.99 -21.45 -15.42
C TRP A 146 -17.08 -20.91 -16.50
N PRO A 147 -16.67 -21.65 -17.53
CA PRO A 147 -15.79 -21.06 -18.52
C PRO A 147 -16.40 -19.83 -19.17
N THR A 148 -17.72 -19.82 -19.34
CA THR A 148 -18.38 -18.62 -19.85
C THR A 148 -18.25 -17.48 -18.86
N PHE A 149 -18.58 -17.75 -17.59
CA PHE A 149 -18.45 -16.71 -16.57
C PHE A 149 -17.04 -16.13 -16.56
N PHE A 150 -16.04 -17.03 -16.54
CA PHE A 150 -14.68 -16.56 -16.33
C PHE A 150 -14.16 -15.85 -17.57
N ALA A 151 -14.47 -16.41 -18.76
CA ALA A 151 -14.00 -15.71 -19.96
C ALA A 151 -14.65 -14.34 -20.09
N ARG A 152 -15.94 -14.23 -19.81
CA ARG A 152 -16.67 -12.98 -20.08
C ARG A 152 -16.47 -11.94 -18.98
N HIS A 153 -16.62 -12.33 -17.72
CA HIS A 153 -16.67 -11.36 -16.63
C HIS A 153 -15.40 -11.29 -15.82
N ARG A 154 -14.38 -12.02 -16.23
CA ARG A 154 -13.05 -11.85 -15.63
C ARG A 154 -12.03 -11.58 -16.73
N LEU A 155 -11.77 -12.51 -17.65
CA LEU A 155 -10.70 -12.26 -18.60
C LEU A 155 -11.09 -11.16 -19.61
N GLN A 156 -12.26 -11.28 -20.25
CA GLN A 156 -12.62 -10.26 -21.25
C GLN A 156 -12.71 -8.87 -20.63
N ALA A 157 -13.28 -8.77 -19.42
CA ALA A 157 -13.35 -7.47 -18.74
C ALA A 157 -11.98 -6.85 -18.59
N GLN A 158 -11.00 -7.65 -18.14
CA GLN A 158 -9.66 -7.10 -17.98
C GLN A 158 -9.08 -6.72 -19.33
N LEU A 159 -9.32 -7.56 -20.36
CA LEU A 159 -8.74 -7.27 -21.67
C LEU A 159 -9.40 -6.06 -22.34
N ASP A 160 -10.68 -5.81 -22.07
CA ASP A 160 -11.33 -4.61 -22.59
C ASP A 160 -10.70 -3.37 -21.96
N LEU A 161 -10.46 -3.41 -20.65
CA LEU A 161 -9.75 -2.28 -20.02
C LEU A 161 -8.37 -2.08 -20.65
N ILE A 162 -7.62 -3.16 -20.88
CA ILE A 162 -6.31 -3.01 -21.52
C ILE A 162 -6.46 -2.42 -22.93
N GLU A 163 -7.49 -2.82 -23.66
CA GLU A 163 -7.66 -2.26 -25.00
C GLU A 163 -8.01 -0.77 -24.92
N LYS A 164 -8.87 -0.40 -23.98
CA LYS A 164 -9.23 1.00 -23.81
C LYS A 164 -8.01 1.84 -23.43
N ASP A 165 -7.20 1.34 -22.51
CA ASP A 165 -6.18 2.17 -21.87
C ASP A 165 -4.81 2.06 -22.51
N TYR A 166 -4.50 0.96 -23.18
CA TYR A 166 -3.21 0.74 -23.80
C TYR A 166 -3.28 0.45 -25.28
N ALA A 167 -4.46 0.12 -25.82
CA ALA A 167 -4.57 -0.21 -27.25
C ALA A 167 -3.50 -1.24 -27.66
N ASP A 168 -3.36 -2.31 -26.87
CA ASP A 168 -2.23 -3.23 -27.07
C ASP A 168 -2.56 -4.29 -28.13
N ARG A 169 -1.88 -4.23 -29.27
CA ARG A 169 -2.15 -5.12 -30.39
C ARG A 169 -1.91 -6.59 -30.01
N GLU A 170 -0.81 -6.88 -29.34
CA GLU A 170 -0.51 -8.28 -29.09
C GLU A 170 -1.53 -8.91 -28.13
N ALA A 171 -1.97 -8.18 -27.09
CA ALA A 171 -2.99 -8.75 -26.20
C ALA A 171 -4.29 -9.02 -26.97
N ARG A 172 -4.69 -8.08 -27.82
CA ARG A 172 -5.90 -8.25 -28.63
C ARG A 172 -5.82 -9.48 -29.52
N GLU A 173 -4.71 -9.64 -30.25
CA GLU A 173 -4.59 -10.78 -31.16
C GLU A 173 -4.46 -12.11 -30.39
N LEU A 174 -3.67 -12.11 -29.32
CA LEU A 174 -3.51 -13.34 -28.57
C LEU A 174 -4.83 -13.74 -27.92
N TRP A 175 -5.63 -12.77 -27.46
CA TRP A 175 -6.94 -13.11 -26.89
C TRP A 175 -7.87 -13.67 -27.95
N SER A 176 -7.83 -13.13 -29.17
CA SER A 176 -8.71 -13.70 -30.19
C SER A 176 -8.37 -15.17 -30.43
N ARG A 177 -7.08 -15.52 -30.37
CA ARG A 177 -6.72 -16.94 -30.52
C ARG A 177 -7.07 -17.78 -29.27
N LEU A 178 -6.82 -17.26 -28.06
CA LEU A 178 -6.94 -18.06 -26.84
C LEU A 178 -8.39 -18.38 -26.47
N GLN A 179 -9.26 -17.39 -26.67
CA GLN A 179 -10.64 -17.46 -26.27
C GLN A 179 -11.27 -18.76 -26.69
N VAL A 180 -11.01 -19.17 -27.93
CA VAL A 180 -11.66 -20.36 -28.47
C VAL A 180 -11.12 -21.64 -27.87
N LYS A 181 -9.87 -21.66 -27.36
CA LYS A 181 -9.27 -22.84 -26.76
C LYS A 181 -9.65 -23.05 -25.30
N ILE A 182 -10.25 -22.05 -24.64
CA ILE A 182 -10.54 -22.20 -23.21
C ILE A 182 -11.39 -23.44 -22.90
N PRO A 183 -12.47 -23.75 -23.63
CA PRO A 183 -13.23 -24.98 -23.28
C PRO A 183 -12.42 -26.27 -23.30
N ASP A 184 -11.29 -26.37 -24.01
CA ASP A 184 -10.50 -27.61 -23.99
C ASP A 184 -9.96 -27.89 -22.58
N LEU A 185 -9.80 -26.83 -21.77
CA LEU A 185 -9.25 -27.08 -20.44
C LEU A 185 -10.31 -27.53 -19.44
N PHE A 186 -11.58 -27.55 -19.81
CA PHE A 186 -12.64 -27.93 -18.88
C PHE A 186 -13.40 -29.16 -19.31
N CYS A 187 -13.13 -29.68 -20.51
CA CYS A 187 -14.00 -30.75 -20.95
C CYS A 187 -13.77 -32.03 -20.12
N GLY A 188 -14.85 -32.75 -19.92
CA GLY A 188 -14.81 -34.01 -19.18
C GLY A 188 -14.69 -33.88 -17.69
N LEU A 189 -15.00 -32.71 -17.12
CA LEU A 189 -14.87 -32.43 -15.68
C LEU A 189 -16.15 -31.80 -15.14
N GLU A 190 -16.53 -32.18 -13.94
CA GLU A 190 -17.67 -31.58 -13.26
C GLU A 190 -17.14 -30.36 -12.50
N ILE A 191 -17.73 -29.19 -12.78
CA ILE A 191 -17.35 -27.95 -12.06
C ILE A 191 -18.54 -27.41 -11.29
N VAL A 192 -18.40 -27.34 -9.96
CA VAL A 192 -19.47 -27.04 -9.01
C VAL A 192 -19.15 -25.65 -8.48
N PRO A 193 -20.10 -24.75 -8.40
CA PRO A 193 -19.81 -23.45 -7.79
C PRO A 193 -19.31 -23.59 -6.37
N ALA A 194 -18.22 -22.85 -6.07
CA ALA A 194 -17.53 -22.88 -4.80
C ALA A 194 -17.43 -21.41 -4.32
N LEU A 195 -17.80 -21.17 -3.07
CA LEU A 195 -17.64 -19.82 -2.49
C LEU A 195 -16.16 -19.56 -2.32
N LEU A 196 -15.68 -18.46 -2.91
CA LEU A 196 -14.25 -18.14 -2.84
C LEU A 196 -14.02 -16.88 -2.02
N HIS A 197 -12.89 -16.88 -1.30
CA HIS A 197 -12.40 -15.59 -0.76
C HIS A 197 -12.18 -14.58 -1.91
N GLY A 198 -11.57 -15.02 -3.01
CA GLY A 198 -11.49 -14.24 -4.24
C GLY A 198 -10.17 -13.50 -4.43
N ASP A 199 -9.36 -13.39 -3.39
CA ASP A 199 -8.10 -12.64 -3.51
C ASP A 199 -7.11 -13.20 -2.49
N LEU A 200 -6.85 -14.49 -2.56
CA LEU A 200 -6.12 -15.14 -1.46
C LEU A 200 -4.60 -15.04 -1.68
N TRP A 201 -4.13 -13.81 -1.88
CA TRP A 201 -2.69 -13.49 -1.86
C TRP A 201 -2.13 -13.70 -0.45
N SER A 202 -0.83 -14.06 -0.36
CA SER A 202 -0.25 -14.25 0.96
C SER A 202 -0.38 -13.00 1.84
N GLY A 203 -0.43 -11.81 1.24
CA GLY A 203 -0.63 -10.61 2.01
C GLY A 203 -2.04 -10.41 2.55
N ASN A 204 -2.98 -11.31 2.22
CA ASN A 204 -4.33 -11.24 2.75
C ASN A 204 -4.64 -12.36 3.74
N VAL A 205 -3.63 -13.05 4.27
CA VAL A 205 -3.83 -14.12 5.22
C VAL A 205 -2.80 -13.93 6.31
N ALA A 206 -3.14 -14.39 7.50
CA ALA A 206 -2.27 -14.24 8.64
C ALA A 206 -2.72 -15.22 9.72
N GLU A 207 -2.25 -15.02 10.96
CA GLU A 207 -2.67 -15.93 12.02
C GLU A 207 -2.47 -15.26 13.36
N ASP A 208 -3.14 -15.82 14.37
CA ASP A 208 -2.91 -15.40 15.75
C ASP A 208 -2.75 -16.67 16.58
N ASP A 209 -2.83 -16.52 17.91
CA ASP A 209 -2.71 -17.68 18.78
C ASP A 209 -3.86 -18.68 18.61
N VAL A 210 -5.04 -18.21 18.20
CA VAL A 210 -6.19 -19.09 18.03
C VAL A 210 -6.11 -19.89 16.72
N GLY A 211 -5.80 -19.23 15.61
CA GLY A 211 -5.83 -19.93 14.34
C GLY A 211 -5.53 -18.96 13.22
N PRO A 212 -5.65 -19.42 11.98
CA PRO A 212 -5.45 -18.52 10.82
C PRO A 212 -6.61 -17.56 10.66
N ILE A 213 -6.33 -16.49 9.92
CA ILE A 213 -7.26 -15.40 9.65
C ILE A 213 -7.09 -15.02 8.17
N ILE A 214 -8.19 -14.75 7.48
CA ILE A 214 -8.13 -14.24 6.10
C ILE A 214 -8.93 -12.97 6.01
N TYR A 215 -8.53 -12.06 5.12
CA TYR A 215 -9.17 -10.74 5.03
C TYR A 215 -9.01 -10.15 3.65
N ASP A 216 -9.56 -8.92 3.48
CA ASP A 216 -9.66 -8.27 2.17
C ASP A 216 -10.25 -9.20 1.10
N PRO A 217 -11.37 -9.85 1.36
CA PRO A 217 -11.97 -10.71 0.31
C PRO A 217 -12.59 -9.92 -0.83
N ALA A 218 -12.76 -10.63 -1.98
CA ALA A 218 -13.53 -10.11 -3.11
C ALA A 218 -14.29 -11.36 -3.63
N SER A 219 -15.36 -11.71 -2.90
CA SER A 219 -15.90 -13.07 -3.04
C SER A 219 -16.83 -13.22 -4.24
N PHE A 220 -16.96 -14.47 -4.68
CA PHE A 220 -17.95 -14.88 -5.66
C PHE A 220 -17.94 -16.40 -5.64
N TYR A 221 -18.90 -16.97 -6.34
CA TYR A 221 -18.94 -18.42 -6.57
C TYR A 221 -18.20 -18.73 -7.86
N GLY A 222 -17.15 -19.58 -7.76
CA GLY A 222 -16.26 -19.79 -8.88
C GLY A 222 -15.79 -21.24 -8.86
N HIS A 223 -14.88 -21.54 -9.76
CA HIS A 223 -14.20 -22.85 -9.69
C HIS A 223 -13.23 -22.78 -8.53
N SER A 224 -13.28 -23.80 -7.65
CA SER A 224 -12.42 -23.81 -6.48
C SER A 224 -10.97 -23.51 -6.85
N GLU A 225 -10.47 -24.12 -7.95
CA GLU A 225 -9.03 -23.98 -8.29
C GLU A 225 -8.60 -22.51 -8.48
N PHE A 226 -9.52 -21.67 -8.92
CA PHE A 226 -9.14 -20.28 -9.16
C PHE A 226 -8.56 -19.65 -7.90
N GLU A 227 -9.10 -20.02 -6.74
CA GLU A 227 -8.60 -19.42 -5.48
C GLU A 227 -7.11 -19.55 -5.35
N LEU A 228 -6.57 -20.70 -5.79
CA LEU A 228 -5.19 -21.00 -5.46
C LEU A 228 -4.20 -20.33 -6.40
N ALA A 229 -4.69 -19.80 -7.53
CA ALA A 229 -3.74 -19.26 -8.52
C ALA A 229 -2.90 -18.12 -7.94
N ILE A 230 -3.56 -17.11 -7.34
CA ILE A 230 -2.80 -15.98 -6.82
C ILE A 230 -1.93 -16.43 -5.66
N ALA A 231 -2.39 -17.44 -4.90
CA ALA A 231 -1.62 -17.95 -3.75
C ALA A 231 -0.30 -18.54 -4.22
N LEU A 232 -0.37 -19.30 -5.32
CA LEU A 232 0.83 -19.94 -5.85
C LEU A 232 1.70 -18.91 -6.54
N MET A 233 1.08 -17.99 -7.27
CA MET A 233 1.91 -17.25 -8.22
C MET A 233 2.74 -16.19 -7.52
N PHE A 234 2.25 -15.67 -6.39
CA PHE A 234 3.06 -14.68 -5.70
C PHE A 234 3.78 -15.24 -4.49
N GLY A 235 3.70 -16.54 -4.23
CA GLY A 235 4.38 -17.18 -3.11
C GLY A 235 3.83 -16.82 -1.75
N GLY A 236 4.60 -17.22 -0.73
CA GLY A 236 4.30 -16.78 0.61
C GLY A 236 3.53 -17.78 1.44
N PHE A 237 2.94 -18.85 0.81
CA PHE A 237 2.24 -19.86 1.60
C PHE A 237 3.19 -21.02 1.87
N PRO A 238 3.27 -21.48 3.11
CA PRO A 238 4.02 -22.72 3.38
C PRO A 238 3.48 -23.87 2.56
N ARG A 239 4.38 -24.80 2.17
CA ARG A 239 3.94 -26.01 1.48
C ARG A 239 2.80 -26.74 2.21
N SER A 240 2.82 -26.76 3.55
CA SER A 240 1.80 -27.52 4.28
C SER A 240 0.37 -26.98 4.05
N PHE A 241 0.25 -25.71 3.62
CA PHE A 241 -1.07 -25.19 3.25
C PHE A 241 -1.64 -25.97 2.07
N PHE A 242 -0.85 -26.11 1.00
CA PHE A 242 -1.31 -26.80 -0.19
C PHE A 242 -1.45 -28.30 0.05
N THR A 243 -0.57 -28.87 0.89
CA THR A 243 -0.70 -30.28 1.23
C THR A 243 -2.01 -30.59 1.93
N ALA A 244 -2.37 -29.76 2.92
CA ALA A 244 -3.62 -29.96 3.62
C ALA A 244 -4.81 -29.73 2.71
N TYR A 245 -4.72 -28.70 1.88
CA TYR A 245 -5.84 -28.40 1.01
C TYR A 245 -6.11 -29.58 0.05
N HIS A 246 -5.07 -30.06 -0.61
CA HIS A 246 -5.25 -31.08 -1.64
C HIS A 246 -5.45 -32.47 -1.07
N ARG A 247 -5.20 -32.69 0.24
CA ARG A 247 -5.76 -33.91 0.85
C ARG A 247 -7.27 -33.95 0.78
N LYS A 248 -7.94 -32.78 0.84
CA LYS A 248 -9.37 -32.73 0.77
C LYS A 248 -9.93 -32.51 -0.62
N ILE A 249 -9.22 -31.76 -1.46
CA ILE A 249 -9.67 -31.51 -2.83
C ILE A 249 -8.46 -31.78 -3.71
N PRO A 250 -8.28 -33.04 -4.12
CA PRO A 250 -7.10 -33.35 -4.95
C PRO A 250 -7.11 -32.59 -6.26
N LYS A 251 -5.89 -32.35 -6.81
CA LYS A 251 -5.77 -31.70 -8.11
C LYS A 251 -6.46 -32.52 -9.20
N ALA A 252 -7.50 -31.95 -9.80
CA ALA A 252 -8.17 -32.66 -10.87
C ALA A 252 -7.30 -32.68 -12.12
N PRO A 253 -7.58 -33.62 -13.02
CA PRO A 253 -6.86 -33.63 -14.30
C PRO A 253 -6.90 -32.27 -15.00
N GLY A 254 -5.74 -31.85 -15.54
CA GLY A 254 -5.66 -30.56 -16.22
C GLY A 254 -5.39 -29.41 -15.28
N PHE A 255 -5.10 -29.70 -13.99
CA PHE A 255 -4.94 -28.64 -13.00
C PHE A 255 -3.86 -27.65 -13.43
N ASP A 256 -2.71 -28.12 -13.91
CA ASP A 256 -1.62 -27.14 -14.15
C ASP A 256 -1.90 -26.24 -15.36
N GLN A 257 -2.62 -26.72 -16.36
CA GLN A 257 -2.96 -25.83 -17.47
C GLN A 257 -4.05 -24.83 -17.07
N ARG A 258 -5.08 -25.28 -16.33
CA ARG A 258 -6.03 -24.29 -15.81
C ARG A 258 -5.31 -23.28 -14.92
N LEU A 259 -4.31 -23.73 -14.15
CA LEU A 259 -3.57 -22.81 -13.29
C LEU A 259 -3.04 -21.63 -14.10
N LEU A 260 -2.47 -21.91 -15.28
CA LEU A 260 -2.01 -20.80 -16.16
C LEU A 260 -3.15 -19.84 -16.52
N LEU A 261 -4.31 -20.39 -16.85
CA LEU A 261 -5.42 -19.52 -17.22
C LEU A 261 -5.81 -18.62 -16.06
N TYR A 262 -5.78 -19.19 -14.86
CA TYR A 262 -6.16 -18.42 -13.71
C TYR A 262 -5.07 -17.41 -13.35
N GLN A 263 -3.81 -17.79 -13.55
CA GLN A 263 -2.73 -16.83 -13.28
C GLN A 263 -2.79 -15.69 -14.29
N LEU A 264 -3.22 -15.98 -15.53
CA LEU A 264 -3.40 -14.94 -16.54
C LEU A 264 -4.34 -13.85 -16.06
N PHE A 265 -5.47 -14.25 -15.47
CA PHE A 265 -6.36 -13.22 -14.94
C PHE A 265 -5.60 -12.27 -13.99
N ASN A 266 -4.83 -12.84 -13.07
CA ASN A 266 -4.17 -12.02 -12.06
C ASN A 266 -3.10 -11.12 -12.71
N TYR A 267 -2.39 -11.64 -13.73
CA TYR A 267 -1.43 -10.76 -14.42
C TYR A 267 -2.13 -9.63 -15.16
N LEU A 268 -3.26 -9.91 -15.80
CA LEU A 268 -3.99 -8.86 -16.50
C LEU A 268 -4.47 -7.82 -15.51
N ASN A 269 -4.98 -8.28 -14.35
CA ASN A 269 -5.44 -7.35 -13.31
C ASN A 269 -4.30 -6.48 -12.80
N HIS A 270 -3.09 -7.05 -12.71
CA HIS A 270 -1.94 -6.28 -12.26
C HIS A 270 -1.49 -5.31 -13.34
N TRP A 271 -1.58 -5.71 -14.61
CA TRP A 271 -1.32 -4.74 -15.70
C TRP A 271 -2.31 -3.57 -15.63
N ASN A 272 -3.60 -3.85 -15.44
CA ASN A 272 -4.52 -2.72 -15.33
C ASN A 272 -4.30 -1.88 -14.06
N HIS A 273 -3.89 -2.49 -12.95
CA HIS A 273 -3.67 -1.68 -11.75
C HIS A 273 -2.31 -0.94 -11.79
N PHE A 274 -1.24 -1.60 -12.22
CA PHE A 274 0.14 -1.14 -12.01
C PHE A 274 0.88 -0.82 -13.29
N GLY A 275 0.31 -1.10 -14.45
CA GLY A 275 0.95 -0.75 -15.71
C GLY A 275 1.81 -1.82 -16.34
N ARG A 276 2.70 -1.32 -17.20
CA ARG A 276 3.32 -2.16 -18.22
C ARG A 276 4.34 -3.15 -17.68
N GLU A 277 4.77 -3.02 -16.43
CA GLU A 277 5.61 -4.05 -15.83
C GLU A 277 4.93 -5.41 -15.98
N TYR A 278 3.60 -5.42 -15.98
CA TYR A 278 2.86 -6.70 -16.08
C TYR A 278 2.42 -7.08 -17.48
N ARG A 279 2.87 -6.35 -18.53
CA ARG A 279 2.52 -6.74 -19.90
C ARG A 279 3.24 -8.02 -20.29
N SER A 280 4.54 -8.10 -19.97
CA SER A 280 5.32 -9.27 -20.38
C SER A 280 4.78 -10.60 -19.79
N PRO A 281 4.47 -10.71 -18.48
CA PRO A 281 3.86 -11.98 -17.98
C PRO A 281 2.51 -12.22 -18.58
N SER A 282 1.68 -11.18 -18.77
CA SER A 282 0.37 -11.39 -19.36
C SER A 282 0.47 -11.99 -20.75
N LEU A 283 1.25 -11.34 -21.62
CA LEU A 283 1.38 -11.88 -22.97
C LEU A 283 2.07 -13.24 -22.94
N GLY A 284 3.07 -13.39 -22.07
CA GLY A 284 3.81 -14.65 -22.03
C GLY A 284 2.89 -15.76 -21.60
N THR A 285 2.00 -15.47 -20.65
CA THR A 285 1.11 -16.53 -20.22
C THR A 285 0.14 -16.91 -21.32
N MET A 286 -0.33 -15.92 -22.09
CA MET A 286 -1.21 -16.26 -23.19
C MET A 286 -0.46 -17.12 -24.20
N ARG A 287 0.79 -16.77 -24.45
CA ARG A 287 1.55 -17.54 -25.42
C ARG A 287 1.74 -18.97 -24.92
N ARG A 288 1.96 -19.16 -23.61
CA ARG A 288 2.15 -20.51 -23.08
CA ARG A 288 2.14 -20.52 -23.10
C ARG A 288 0.89 -21.35 -23.25
N LEU A 289 -0.28 -20.70 -23.12
CA LEU A 289 -1.54 -21.39 -23.26
C LEU A 289 -1.82 -21.76 -24.71
N LEU A 290 -1.16 -21.10 -25.66
CA LEU A 290 -1.44 -21.34 -27.08
C LEU A 290 -0.43 -22.29 -27.71
N LYS A 291 0.59 -22.70 -26.97
CA LYS A 291 1.68 -23.50 -27.51
C LYS A 291 2.58 -23.93 -26.36
N ALA B 1 -11.97 16.27 11.60
CA ALA B 1 -11.68 15.40 10.48
C ALA B 1 -12.02 13.95 10.79
N MET B 2 -11.22 13.02 10.25
CA MET B 2 -11.60 11.62 10.30
C MET B 2 -11.74 11.11 11.74
N GLU B 3 -10.81 11.47 12.64
CA GLU B 3 -10.82 10.94 13.99
C GLU B 3 -12.08 11.36 14.75
N GLN B 4 -12.49 12.65 14.62
CA GLN B 4 -13.74 13.03 15.28
C GLN B 4 -14.93 12.28 14.69
N LEU B 5 -14.93 12.04 13.39
CA LEU B 5 -16.04 11.30 12.81
C LEU B 5 -16.08 9.87 13.32
N LEU B 6 -14.90 9.23 13.45
CA LEU B 6 -14.86 7.86 13.96
C LEU B 6 -15.31 7.81 15.40
N ARG B 7 -14.89 8.79 16.20
CA ARG B 7 -15.33 8.78 17.58
C ARG B 7 -16.84 8.82 17.66
N ALA B 8 -17.45 9.65 16.83
CA ALA B 8 -18.90 9.76 16.90
C ALA B 8 -19.57 8.50 16.35
N GLU B 9 -19.11 8.04 15.18
CA GLU B 9 -19.77 6.88 14.56
C GLU B 9 -19.63 5.62 15.43
N LEU B 10 -18.49 5.46 16.11
CA LEU B 10 -18.25 4.26 16.92
C LEU B 10 -18.64 4.49 18.37
N ARG B 11 -19.06 5.70 18.73
CA ARG B 11 -19.45 5.99 20.12
C ARG B 11 -18.36 5.54 21.08
N THR B 12 -17.15 5.99 20.81
CA THR B 12 -16.01 5.67 21.65
C THR B 12 -15.40 6.94 22.22
N ALA B 13 -15.11 6.88 23.51
CA ALA B 13 -14.43 7.99 24.18
C ALA B 13 -12.96 8.06 23.76
N THR B 14 -12.30 6.93 23.56
CA THR B 14 -10.91 6.93 23.16
C THR B 14 -10.78 6.55 21.69
N LEU B 15 -9.76 7.06 21.03
CA LEU B 15 -9.47 6.66 19.66
C LEU B 15 -8.00 7.00 19.49
N ARG B 16 -7.13 5.98 19.45
CA ARG B 16 -5.69 6.22 19.40
C ARG B 16 -5.11 5.45 18.22
N ALA B 17 -4.64 6.16 17.20
CA ALA B 17 -4.03 5.49 16.06
C ALA B 17 -2.89 4.59 16.52
N PHE B 18 -2.78 3.40 15.91
CA PHE B 18 -1.54 2.63 16.05
C PHE B 18 -0.38 3.49 15.55
N GLY B 19 0.73 3.50 16.28
CA GLY B 19 1.83 4.38 15.95
C GLY B 19 3.16 3.63 15.97
N GLY B 20 4.19 4.31 15.48
CA GLY B 20 5.49 3.71 15.39
C GLY B 20 5.79 3.01 14.08
N PRO B 21 7.09 2.70 13.89
CA PRO B 21 7.53 2.00 12.67
C PRO B 21 7.13 0.54 12.76
N GLY B 22 7.29 -0.13 11.63
CA GLY B 22 6.96 -1.54 11.51
C GLY B 22 6.92 -1.91 10.04
N ALA B 23 6.19 -2.99 9.73
CA ALA B 23 5.98 -3.35 8.35
C ALA B 23 5.09 -2.29 7.67
N GLY B 24 5.61 -1.65 6.65
CA GLY B 24 4.88 -0.66 5.86
C GLY B 24 4.39 -1.23 4.55
N CYS B 25 4.20 -0.36 3.56
CA CYS B 25 3.79 -0.84 2.25
C CYS B 25 4.96 -1.39 1.46
N ILE B 26 6.18 -1.00 1.83
CA ILE B 26 7.37 -1.12 1.01
C ILE B 26 8.37 -2.09 1.64
N SER B 27 8.64 -1.95 2.95
CA SER B 27 9.59 -2.83 3.63
C SER B 27 8.97 -3.52 4.86
N GLU B 28 9.48 -4.70 5.17
CA GLU B 28 9.17 -5.37 6.43
C GLU B 28 9.89 -4.67 7.57
N GLY B 29 9.35 -4.76 8.78
CA GLY B 29 10.03 -4.14 9.92
C GLY B 29 9.71 -4.82 11.23
N ARG B 30 10.73 -5.10 12.05
CA ARG B 30 10.52 -5.89 13.27
C ARG B 30 11.53 -5.42 14.28
N ALA B 31 11.10 -5.34 15.55
CA ALA B 31 12.02 -5.11 16.65
C ALA B 31 12.56 -6.43 17.18
N TYR B 32 13.78 -6.38 17.64
CA TYR B 32 14.38 -7.53 18.30
C TYR B 32 15.11 -7.09 19.54
N ASP B 33 15.07 -7.93 20.58
CA ASP B 33 15.95 -7.71 21.70
C ASP B 33 17.24 -8.48 21.42
N THR B 34 18.36 -7.89 21.80
CA THR B 34 19.67 -8.48 21.61
C THR B 34 20.49 -8.37 22.88
N ASP B 35 21.65 -9.04 22.87
CA ASP B 35 22.57 -8.98 24.01
C ASP B 35 22.86 -7.53 24.45
N ALA B 36 22.83 -6.56 23.52
CA ALA B 36 23.14 -5.17 23.81
C ALA B 36 21.91 -4.26 23.84
N GLY B 37 20.71 -4.82 23.94
CA GLY B 37 19.51 -4.00 23.91
C GLY B 37 18.67 -4.16 22.64
N PRO B 38 17.53 -3.49 22.60
CA PRO B 38 16.64 -3.65 21.43
C PRO B 38 17.11 -2.86 20.23
N VAL B 39 16.73 -3.36 19.06
CA VAL B 39 17.01 -2.71 17.79
C VAL B 39 15.77 -2.85 16.94
N PHE B 40 15.68 -2.06 15.88
CA PHE B 40 14.61 -2.21 14.91
C PHE B 40 15.23 -2.50 13.54
N VAL B 41 14.67 -3.48 12.83
CA VAL B 41 15.26 -3.92 11.58
C VAL B 41 14.23 -3.78 10.48
N LYS B 42 14.60 -3.10 9.39
CA LYS B 42 13.80 -3.03 8.16
C LYS B 42 14.43 -3.93 7.11
N VAL B 43 13.61 -4.62 6.33
CA VAL B 43 14.14 -5.57 5.35
C VAL B 43 13.45 -5.27 4.03
N ASN B 44 14.21 -5.20 2.96
CA ASN B 44 13.63 -5.09 1.64
C ASN B 44 14.41 -5.99 0.72
N ARG B 45 13.71 -6.86 -0.05
CA ARG B 45 14.41 -7.79 -0.93
C ARG B 45 14.68 -7.27 -2.33
N ARG B 46 14.23 -6.07 -2.68
CA ARG B 46 14.46 -5.55 -4.03
C ARG B 46 15.92 -5.14 -4.23
N THR B 47 16.35 -5.12 -5.49
CA THR B 47 17.74 -4.82 -5.79
C THR B 47 18.17 -3.44 -5.26
N GLN B 48 17.27 -2.47 -5.27
CA GLN B 48 17.69 -1.13 -4.88
C GLN B 48 17.63 -0.91 -3.37
N ALA B 49 17.38 -1.97 -2.57
CA ALA B 49 17.21 -1.78 -1.13
C ALA B 49 18.40 -1.09 -0.48
N ARG B 50 19.63 -1.49 -0.82
CA ARG B 50 20.77 -0.84 -0.18
C ARG B 50 20.77 0.67 -0.45
N GLN B 51 20.51 1.05 -1.70
CA GLN B 51 20.48 2.47 -2.03
C GLN B 51 19.43 3.18 -1.20
N MET B 52 18.23 2.58 -1.09
CA MET B 52 17.16 3.18 -0.31
C MET B 52 17.59 3.37 1.11
N PHE B 53 18.17 2.31 1.70
CA PHE B 53 18.50 2.42 3.13
C PHE B 53 19.70 3.34 3.35
N GLU B 54 20.62 3.44 2.37
CA GLU B 54 21.74 4.36 2.56
C GLU B 54 21.20 5.79 2.52
N GLY B 55 20.16 6.01 1.71
CA GLY B 55 19.56 7.35 1.71
C GLY B 55 18.90 7.66 3.03
N GLU B 56 18.28 6.64 3.67
CA GLU B 56 17.65 6.85 4.96
C GLU B 56 18.73 7.11 6.00
N VAL B 57 19.85 6.38 5.91
CA VAL B 57 20.94 6.65 6.86
C VAL B 57 21.40 8.08 6.77
N ALA B 58 21.60 8.56 5.52
CA ALA B 58 22.09 9.93 5.34
C ALA B 58 21.08 10.91 5.87
N SER B 59 19.80 10.59 5.66
CA SER B 59 18.77 11.54 6.14
C SER B 59 18.74 11.55 7.66
N LEU B 60 18.82 10.35 8.29
CA LEU B 60 18.78 10.33 9.74
C LEU B 60 19.99 11.08 10.30
N GLU B 61 21.12 10.92 9.62
CA GLU B 61 22.30 11.58 10.17
C GLU B 61 22.19 13.09 10.06
N ALA B 62 21.68 13.57 8.91
CA ALA B 62 21.51 15.03 8.76
C ALA B 62 20.56 15.57 9.81
N LEU B 63 19.46 14.84 10.12
CA LEU B 63 18.51 15.36 11.11
C LEU B 63 19.15 15.35 12.50
N ARG B 64 19.89 14.28 12.81
CA ARG B 64 20.50 14.14 14.14
C ARG B 64 21.56 15.20 14.35
N SER B 65 22.22 15.62 13.25
CA SER B 65 23.27 16.63 13.43
C SER B 65 22.74 17.96 13.86
N THR B 66 21.46 18.21 13.63
CA THR B 66 20.90 19.50 14.05
C THR B 66 20.69 19.59 15.57
N GLY B 67 20.45 18.47 16.26
CA GLY B 67 20.12 18.43 17.67
C GLY B 67 18.77 19.01 17.99
N LEU B 68 17.87 19.09 17.01
CA LEU B 68 16.59 19.75 17.23
C LEU B 68 15.39 18.81 17.35
N VAL B 69 15.54 17.56 16.91
CA VAL B 69 14.43 16.59 16.87
C VAL B 69 15.04 15.26 17.23
N ARG B 70 14.24 14.37 17.79
CA ARG B 70 14.76 13.02 18.13
C ARG B 70 14.41 12.04 17.02
N VAL B 71 15.39 11.26 16.58
CA VAL B 71 15.21 10.31 15.49
C VAL B 71 16.11 9.12 15.83
N PRO B 72 15.79 7.93 15.34
CA PRO B 72 16.61 6.72 15.68
C PRO B 72 17.99 6.83 15.10
N ARG B 73 18.95 6.35 15.86
CA ARG B 73 20.31 6.26 15.33
C ARG B 73 20.43 5.15 14.31
N PRO B 74 21.00 5.41 13.14
CA PRO B 74 21.18 4.34 12.16
C PRO B 74 22.38 3.52 12.58
N MET B 75 22.25 2.20 12.48
CA MET B 75 23.36 1.33 12.92
C MET B 75 24.06 0.59 11.80
N LYS B 76 23.33 -0.08 10.95
CA LYS B 76 24.03 -0.87 9.93
C LYS B 76 23.14 -1.20 8.76
N VAL B 77 23.71 -1.23 7.53
CA VAL B 77 23.02 -1.69 6.34
C VAL B 77 23.73 -2.95 5.92
N ILE B 78 22.96 -4.00 5.73
CA ILE B 78 23.47 -5.36 5.54
C ILE B 78 22.95 -5.91 4.23
N ASP B 79 23.85 -6.40 3.37
CA ASP B 79 23.43 -7.07 2.15
C ASP B 79 22.91 -8.46 2.45
N LEU B 80 21.76 -8.83 1.77
CA LEU B 80 21.13 -10.14 2.04
C LEU B 80 21.49 -11.12 0.91
N PRO B 81 21.87 -12.37 1.23
CA PRO B 81 21.94 -13.39 0.18
C PRO B 81 20.60 -13.50 -0.51
N GLY B 82 20.65 -13.58 -1.83
CA GLY B 82 19.41 -13.62 -2.54
C GLY B 82 18.86 -12.25 -2.86
N GLY B 83 19.55 -11.18 -2.43
CA GLY B 83 19.30 -9.84 -2.89
C GLY B 83 18.58 -8.97 -1.87
N GLY B 84 18.73 -7.67 -2.03
CA GLY B 84 18.19 -6.80 -1.05
C GLY B 84 19.13 -6.59 0.12
N ALA B 85 18.52 -6.06 1.18
CA ALA B 85 19.29 -5.53 2.30
C ALA B 85 18.39 -5.45 3.52
N ALA B 86 19.06 -5.43 4.65
CA ALA B 86 18.43 -5.14 5.93
C ALA B 86 19.05 -3.89 6.49
N PHE B 87 18.27 -3.13 7.22
CA PHE B 87 18.77 -1.90 7.83
C PHE B 87 18.41 -1.93 9.31
N VAL B 88 19.45 -1.93 10.19
CA VAL B 88 19.27 -1.96 11.64
C VAL B 88 19.41 -0.56 12.18
N MET B 89 18.50 -0.19 13.09
CA MET B 89 18.56 1.14 13.70
C MET B 89 18.14 0.97 15.14
N GLU B 90 18.35 2.04 15.89
CA GLU B 90 17.98 2.11 17.28
C GLU B 90 16.47 1.88 17.43
N HIS B 91 16.09 1.13 18.46
CA HIS B 91 14.68 0.91 18.76
C HIS B 91 14.21 1.96 19.77
N LEU B 92 13.02 2.55 19.55
CA LEU B 92 12.47 3.49 20.53
C LEU B 92 11.03 3.05 20.78
N LYS B 93 10.65 2.91 22.05
CA LYS B 93 9.26 2.69 22.42
C LYS B 93 8.44 3.93 22.09
N MET B 94 7.35 3.77 21.33
CA MET B 94 6.64 4.93 20.78
C MET B 94 5.14 4.67 20.78
N LYS B 95 4.38 5.73 20.92
CA LYS B 95 2.95 5.70 20.65
C LYS B 95 2.63 6.84 19.68
N SER B 96 1.43 6.81 19.09
CA SER B 96 1.11 7.83 18.10
C SER B 96 1.06 9.21 18.74
N LEU B 97 1.29 10.20 17.88
CA LEU B 97 1.48 11.57 18.32
C LEU B 97 0.16 12.08 18.86
N SER B 98 0.20 12.68 20.07
CA SER B 98 -1.03 13.20 20.67
C SER B 98 -0.65 14.38 21.55
N SER B 99 -0.29 14.12 22.82
CA SER B 99 0.03 15.24 23.72
C SER B 99 1.23 16.06 23.27
N GLN B 100 2.18 15.44 22.52
CA GLN B 100 3.39 16.13 22.11
C GLN B 100 3.24 16.84 20.76
N ALA B 101 2.03 16.98 20.23
CA ALA B 101 1.88 17.57 18.90
C ALA B 101 2.39 19.00 18.83
N SER B 102 2.04 19.85 19.81
CA SER B 102 2.52 21.24 19.69
C SER B 102 4.03 21.33 19.81
N LYS B 103 4.63 20.48 20.67
CA LYS B 103 6.09 20.42 20.75
C LYS B 103 6.73 20.03 19.43
N LEU B 104 6.16 19.02 18.74
CA LEU B 104 6.67 18.65 17.42
C LEU B 104 6.53 19.80 16.42
N GLY B 105 5.41 20.55 16.45
CA GLY B 105 5.30 21.70 15.56
C GLY B 105 6.41 22.69 15.78
N GLU B 106 6.73 22.98 17.06
CA GLU B 106 7.87 23.86 17.36
C GLU B 106 9.17 23.31 16.80
N GLN B 107 9.39 22.00 17.00
CA GLN B 107 10.65 21.41 16.58
C GLN B 107 10.79 21.39 15.07
N MET B 108 9.70 21.05 14.36
CA MET B 108 9.77 21.03 12.90
C MET B 108 10.03 22.41 12.34
N ALA B 109 9.39 23.45 12.94
CA ALA B 109 9.69 24.80 12.48
C ALA B 109 11.14 25.16 12.74
N ASP B 110 11.66 24.80 13.94
CA ASP B 110 13.06 25.11 14.22
C ASP B 110 13.98 24.36 13.26
N LEU B 111 13.60 23.12 12.91
CA LEU B 111 14.37 22.35 11.91
C LEU B 111 14.43 23.10 10.59
N HIS B 112 13.27 23.53 10.10
CA HIS B 112 13.26 24.21 8.81
C HIS B 112 14.03 25.52 8.86
N LEU B 113 13.98 26.23 10.01
CA LEU B 113 14.66 27.51 10.16
C LEU B 113 16.15 27.36 10.42
N TYR B 114 16.62 26.15 10.72
CA TYR B 114 18.00 25.98 11.16
C TYR B 114 18.97 26.42 10.10
N ASN B 115 18.66 26.14 8.81
CA ASN B 115 19.62 26.49 7.78
C ASN B 115 19.76 28.00 7.66
N GLN B 116 18.74 28.74 8.07
CA GLN B 116 18.75 30.19 8.00
C GLN B 116 19.32 30.82 9.26
N LYS B 117 19.07 30.21 10.40
CA LYS B 117 19.35 30.80 11.70
C LYS B 117 20.66 30.28 12.28
N GLY B 118 21.01 29.04 11.98
CA GLY B 118 22.12 28.36 12.61
C GLY B 118 23.39 28.57 11.82
N SER B 119 24.45 27.85 12.24
CA SER B 119 25.74 27.83 11.52
C SER B 119 25.59 26.80 10.40
N SER B 120 24.96 27.24 9.30
CA SER B 120 24.55 26.38 8.19
C SER B 120 24.56 27.25 6.95
N TYR B 121 25.04 26.73 5.85
CA TYR B 121 25.32 27.61 4.73
C TYR B 121 24.76 27.08 3.41
N VAL B 122 23.70 26.23 3.46
CA VAL B 122 23.30 25.54 2.25
C VAL B 122 22.42 26.50 1.45
N ASP B 123 22.94 27.02 0.34
CA ASP B 123 22.18 28.03 -0.40
C ASP B 123 21.72 27.57 -1.76
N LYS B 124 21.51 26.24 -1.89
CA LYS B 124 20.85 25.66 -3.04
C LYS B 124 19.90 24.58 -2.52
N PHE B 125 19.02 24.15 -3.42
CA PHE B 125 18.04 23.11 -3.10
C PHE B 125 18.57 21.78 -3.60
N GLY B 126 18.35 20.70 -2.82
CA GLY B 126 18.86 19.39 -3.21
C GLY B 126 19.48 18.69 -2.02
N PHE B 127 20.47 17.82 -2.27
CA PHE B 127 21.05 17.09 -1.15
C PHE B 127 22.35 16.48 -1.63
N HIS B 128 23.20 16.09 -0.67
CA HIS B 128 24.54 15.63 -1.05
C HIS B 128 24.56 14.19 -1.50
N THR B 129 23.43 13.47 -1.47
CA THR B 129 23.42 12.07 -1.89
C THR B 129 22.00 11.72 -2.33
N VAL B 130 21.86 10.56 -2.96
CA VAL B 130 20.55 10.13 -3.41
C VAL B 130 19.69 9.71 -2.24
N THR B 131 18.42 10.11 -2.26
CA THR B 131 17.45 9.61 -1.27
C THR B 131 16.27 9.08 -2.06
N CYS B 132 15.60 8.11 -1.51
CA CYS B 132 14.52 7.45 -2.24
C CYS B 132 13.15 7.88 -1.72
N CYS B 133 12.20 8.03 -2.65
CA CYS B 133 10.80 8.27 -2.30
C CYS B 133 10.19 6.88 -2.32
N GLY B 134 10.11 6.21 -1.16
CA GLY B 134 9.67 4.82 -1.21
C GLY B 134 10.73 4.02 -1.96
N PHE B 135 10.30 3.32 -3.03
CA PHE B 135 11.14 2.55 -3.93
C PHE B 135 11.86 3.38 -4.95
N ILE B 136 11.47 4.63 -5.14
CA ILE B 136 11.85 5.41 -6.32
C ILE B 136 13.09 6.25 -5.99
N PRO B 137 14.24 5.98 -6.59
CA PRO B 137 15.42 6.83 -6.37
C PRO B 137 15.12 8.23 -6.88
N GLN B 138 15.60 9.23 -6.14
CA GLN B 138 15.40 10.62 -6.51
C GLN B 138 16.73 11.22 -6.93
N VAL B 139 16.63 12.17 -7.84
CA VAL B 139 17.75 13.02 -8.18
C VAL B 139 17.74 14.18 -7.20
N ASN B 140 18.87 14.43 -6.54
CA ASN B 140 18.99 15.55 -5.59
C ASN B 140 20.02 16.56 -6.05
N GLU B 141 20.25 16.58 -7.38
CA GLU B 141 21.19 17.56 -7.95
C GLU B 141 20.88 18.97 -7.48
N TRP B 142 21.90 19.67 -6.99
CA TRP B 142 21.67 20.99 -6.45
C TRP B 142 21.19 21.97 -7.53
N GLN B 143 20.27 22.87 -7.13
CA GLN B 143 19.67 23.85 -8.04
C GLN B 143 19.49 25.12 -7.27
N ASP B 144 19.80 26.26 -7.91
CA ASP B 144 19.58 27.54 -7.22
C ASP B 144 18.10 27.86 -7.05
N ASP B 145 17.26 27.40 -7.97
CA ASP B 145 15.86 27.81 -8.00
C ASP B 145 14.96 26.66 -7.52
N TRP B 146 14.14 26.91 -6.49
CA TRP B 146 13.31 25.83 -5.96
C TRP B 146 12.23 25.40 -6.94
N PRO B 147 11.48 26.29 -7.59
CA PRO B 147 10.45 25.77 -8.53
C PRO B 147 11.07 24.97 -9.64
N THR B 148 12.31 25.27 -10.03
CA THR B 148 13.02 24.43 -11.02
C THR B 148 13.34 23.06 -10.45
N PHE B 149 13.95 23.03 -9.27
CA PHE B 149 14.26 21.75 -8.64
C PHE B 149 13.01 20.89 -8.50
N PHE B 150 11.94 21.48 -7.95
CA PHE B 150 10.72 20.70 -7.66
C PHE B 150 10.09 20.25 -8.97
N ALA B 151 10.01 21.15 -9.97
CA ALA B 151 9.41 20.71 -11.25
C ALA B 151 10.24 19.63 -11.91
N ARG B 152 11.56 19.76 -11.92
CA ARG B 152 12.39 18.81 -12.68
C ARG B 152 12.61 17.52 -11.91
N HIS B 153 13.01 17.61 -10.65
CA HIS B 153 13.49 16.42 -9.93
C HIS B 153 12.47 15.83 -8.99
N ARG B 154 11.27 16.36 -8.98
CA ARG B 154 10.18 15.74 -8.23
C ARG B 154 8.99 15.49 -9.14
N LEU B 155 8.32 16.55 -9.64
CA LEU B 155 7.11 16.32 -10.43
C LEU B 155 7.45 15.63 -11.75
N GLN B 156 8.41 16.17 -12.52
CA GLN B 156 8.68 15.56 -13.83
C GLN B 156 9.14 14.12 -13.68
N ALA B 157 9.95 13.85 -12.67
CA ALA B 157 10.42 12.50 -12.48
C ALA B 157 9.25 11.53 -12.25
N GLN B 158 8.27 11.96 -11.42
CA GLN B 158 7.11 11.08 -11.19
C GLN B 158 6.33 10.91 -12.48
N LEU B 159 6.15 12.01 -13.20
CA LEU B 159 5.30 11.91 -14.42
C LEU B 159 5.99 11.14 -15.53
N ASP B 160 7.33 11.17 -15.60
CA ASP B 160 8.05 10.32 -16.55
C ASP B 160 7.83 8.83 -16.26
N LEU B 161 7.82 8.47 -14.97
CA LEU B 161 7.48 7.08 -14.63
C LEU B 161 6.03 6.77 -14.95
N ILE B 162 5.08 7.69 -14.70
CA ILE B 162 3.70 7.44 -15.12
C ILE B 162 3.62 7.26 -16.63
N GLU B 163 4.36 8.07 -17.40
CA GLU B 163 4.34 7.87 -18.87
C GLU B 163 4.87 6.49 -19.24
N LYS B 164 5.98 6.10 -18.64
CA LYS B 164 6.61 4.81 -18.96
C LYS B 164 5.67 3.66 -18.62
N ASP B 165 5.05 3.71 -17.42
CA ASP B 165 4.30 2.51 -16.99
C ASP B 165 2.84 2.51 -17.40
N TYR B 166 2.19 3.68 -17.49
CA TYR B 166 0.79 3.79 -17.85
C TYR B 166 0.55 4.45 -19.19
N ALA B 167 1.52 5.19 -19.72
CA ALA B 167 1.35 5.96 -20.97
C ALA B 167 0.03 6.72 -20.98
N ASP B 168 -0.18 7.50 -19.91
CA ASP B 168 -1.49 8.13 -19.66
C ASP B 168 -1.55 9.47 -20.38
N ARG B 169 -2.45 9.60 -21.37
CA ARG B 169 -2.48 10.81 -22.19
C ARG B 169 -2.92 12.03 -21.38
N GLU B 170 -3.94 11.87 -20.54
CA GLU B 170 -4.41 13.01 -19.78
C GLU B 170 -3.32 13.52 -18.85
N ALA B 171 -2.59 12.61 -18.19
CA ALA B 171 -1.54 13.07 -17.28
C ALA B 171 -0.50 13.88 -18.06
N ARG B 172 -0.12 13.41 -19.26
CA ARG B 172 0.91 14.09 -20.06
C ARG B 172 0.43 15.49 -20.47
N GLU B 173 -0.82 15.59 -20.92
CA GLU B 173 -1.33 16.87 -21.45
C GLU B 173 -1.54 17.89 -20.33
N LEU B 174 -2.05 17.40 -19.18
CA LEU B 174 -2.24 18.30 -18.05
C LEU B 174 -0.90 18.75 -17.51
N TRP B 175 0.07 17.87 -17.44
CA TRP B 175 1.38 18.29 -16.91
C TRP B 175 1.98 19.37 -17.79
N SER B 176 1.91 19.19 -19.13
CA SER B 176 2.48 20.22 -19.99
C SER B 176 1.85 21.59 -19.70
N ARG B 177 0.54 21.64 -19.51
CA ARG B 177 -0.07 22.93 -19.16
C ARG B 177 0.36 23.42 -17.77
N LEU B 178 0.41 22.52 -16.79
CA LEU B 178 0.76 22.94 -15.42
C LEU B 178 2.20 23.46 -15.33
N GLN B 179 3.10 22.91 -16.11
CA GLN B 179 4.49 23.37 -16.10
C GLN B 179 4.60 24.85 -16.35
N VAL B 180 3.73 25.35 -17.21
CA VAL B 180 3.73 26.79 -17.56
C VAL B 180 3.22 27.63 -16.40
N LYS B 181 2.30 27.08 -15.61
CA LYS B 181 1.69 27.79 -14.48
C LYS B 181 2.61 27.85 -13.27
N ILE B 182 3.49 26.88 -13.10
CA ILE B 182 4.20 26.70 -11.82
C ILE B 182 4.85 28.01 -11.26
N PRO B 183 5.62 28.77 -12.02
CA PRO B 183 6.26 29.95 -11.39
C PRO B 183 5.28 30.92 -10.79
N ASP B 184 4.08 31.03 -11.36
CA ASP B 184 3.13 31.99 -10.82
C ASP B 184 2.65 31.61 -9.44
N LEU B 185 2.75 30.31 -9.07
CA LEU B 185 2.30 29.92 -7.74
C LEU B 185 3.23 30.39 -6.65
N PHE B 186 4.39 30.92 -6.99
CA PHE B 186 5.40 31.30 -6.01
C PHE B 186 5.41 32.77 -5.69
N CYS B 187 4.52 33.57 -6.29
CA CYS B 187 4.22 34.92 -5.74
C CYS B 187 5.45 35.79 -5.65
N GLY B 188 6.41 35.54 -6.55
CA GLY B 188 7.69 36.24 -6.51
C GLY B 188 8.52 36.11 -5.24
N LEU B 189 8.25 35.10 -4.41
CA LEU B 189 8.92 35.00 -3.12
C LEU B 189 10.36 34.53 -3.26
N GLU B 190 11.18 34.89 -2.28
CA GLU B 190 12.54 34.38 -2.19
C GLU B 190 12.48 33.14 -1.31
N ILE B 191 12.63 31.98 -1.88
CA ILE B 191 12.56 30.71 -1.11
C ILE B 191 13.93 30.44 -0.52
N VAL B 192 13.97 30.06 0.74
CA VAL B 192 15.25 29.76 1.45
C VAL B 192 15.33 28.25 1.63
N PRO B 193 16.45 27.58 1.28
CA PRO B 193 16.50 26.13 1.50
C PRO B 193 16.31 25.78 2.97
N ALA B 194 15.49 24.75 3.22
CA ALA B 194 15.23 24.26 4.58
C ALA B 194 15.46 22.75 4.60
N LEU B 195 16.15 22.26 5.62
CA LEU B 195 16.31 20.80 5.74
C LEU B 195 14.98 20.15 6.10
N LEU B 196 14.54 19.23 5.25
CA LEU B 196 13.25 18.59 5.43
C LEU B 196 13.43 17.16 5.92
N HIS B 197 12.49 16.71 6.78
CA HIS B 197 12.36 15.27 6.99
C HIS B 197 12.05 14.56 5.69
N GLY B 198 11.10 15.09 4.91
CA GLY B 198 10.80 14.65 3.55
C GLY B 198 9.66 13.69 3.44
N ASP B 199 9.18 13.12 4.54
CA ASP B 199 8.07 12.16 4.44
C ASP B 199 7.27 12.17 5.73
N LEU B 200 6.78 13.35 6.09
CA LEU B 200 6.18 13.57 7.42
C LEU B 200 4.71 13.18 7.46
N TRP B 201 4.40 11.98 6.97
CA TRP B 201 3.12 11.33 7.22
C TRP B 201 2.91 11.13 8.72
N SER B 202 1.64 11.18 9.17
CA SER B 202 1.44 10.92 10.60
C SER B 202 1.92 9.55 11.03
N GLY B 203 2.00 8.59 10.12
CA GLY B 203 2.56 7.27 10.49
C GLY B 203 4.07 7.27 10.69
N ASN B 204 4.74 8.38 10.38
CA ASN B 204 6.18 8.49 10.59
C ASN B 204 6.55 9.43 11.74
N VAL B 205 5.61 9.80 12.59
CA VAL B 205 5.85 10.60 13.79
C VAL B 205 5.14 9.92 14.96
N ALA B 206 5.65 10.17 16.16
CA ALA B 206 5.17 9.44 17.33
C ALA B 206 5.67 10.18 18.55
N GLU B 207 5.46 9.57 19.73
CA GLU B 207 5.99 10.23 20.94
C GLU B 207 6.28 9.18 22.01
N ASP B 208 7.17 9.59 22.94
CA ASP B 208 7.36 8.80 24.16
C ASP B 208 7.28 9.76 25.33
N ASP B 209 7.72 9.35 26.55
CA ASP B 209 7.54 10.27 27.69
C ASP B 209 8.48 11.50 27.67
N VAL B 210 9.56 11.44 26.91
CA VAL B 210 10.43 12.59 26.76
C VAL B 210 9.86 13.61 25.78
N GLY B 211 9.16 13.17 24.72
CA GLY B 211 8.68 14.11 23.73
C GLY B 211 8.42 13.41 22.40
N PRO B 212 8.25 14.18 21.34
CA PRO B 212 7.96 13.56 20.03
C PRO B 212 9.21 12.94 19.42
N ILE B 213 8.97 12.09 18.41
CA ILE B 213 10.02 11.33 17.72
C ILE B 213 9.60 11.28 16.25
N ILE B 214 10.55 11.44 15.36
CA ILE B 214 10.21 11.25 13.94
C ILE B 214 11.18 10.25 13.31
N TYR B 215 10.74 9.58 12.24
CA TYR B 215 11.54 8.49 11.67
C TYR B 215 11.13 8.30 10.21
N ASP B 216 11.76 7.33 9.57
CA ASP B 216 11.54 7.04 8.15
C ASP B 216 11.69 8.27 7.25
N PRO B 217 12.72 9.09 7.45
CA PRO B 217 12.90 10.30 6.61
C PRO B 217 13.37 9.96 5.20
N ALA B 218 13.22 10.98 4.34
CA ALA B 218 13.72 10.93 2.97
C ALA B 218 14.11 12.39 2.68
N SER B 219 15.27 12.80 3.21
CA SER B 219 15.57 14.21 3.41
C SER B 219 16.25 14.88 2.23
N PHE B 220 16.05 16.21 2.20
CA PHE B 220 16.70 17.06 1.21
C PHE B 220 16.46 18.49 1.67
N TYR B 221 17.18 19.45 1.02
CA TYR B 221 16.93 20.85 1.28
C TYR B 221 15.87 21.31 0.29
N GLY B 222 14.72 21.78 0.82
CA GLY B 222 13.58 22.08 -0.05
C GLY B 222 12.87 23.35 0.46
N HIS B 223 11.70 23.66 -0.10
CA HIS B 223 10.82 24.67 0.52
C HIS B 223 10.16 24.08 1.75
N SER B 224 10.25 24.80 2.88
CA SER B 224 9.68 24.30 4.14
C SER B 224 8.25 23.82 3.94
N GLU B 225 7.49 24.57 3.09
CA GLU B 225 6.08 24.22 2.96
C GLU B 225 5.86 22.81 2.47
N PHE B 226 6.76 22.30 1.65
CA PHE B 226 6.54 20.97 1.09
C PHE B 226 6.36 19.95 2.21
N GLU B 227 7.07 20.16 3.32
CA GLU B 227 7.00 19.18 4.41
C GLU B 227 5.56 18.91 4.85
N LEU B 228 4.75 19.98 4.90
CA LEU B 228 3.39 19.91 5.46
C LEU B 228 2.37 19.25 4.56
N ALA B 229 2.64 19.08 3.26
CA ALA B 229 1.59 18.63 2.34
C ALA B 229 1.11 17.22 2.68
N ILE B 230 2.05 16.28 2.92
CA ILE B 230 1.63 14.89 3.23
C ILE B 230 1.01 14.85 4.64
N ALA B 231 1.52 15.68 5.54
CA ALA B 231 0.96 15.76 6.89
C ALA B 231 -0.49 16.15 6.83
N LEU B 232 -0.81 17.16 6.02
CA LEU B 232 -2.19 17.62 5.88
C LEU B 232 -3.05 16.64 5.12
N MET B 233 -2.51 16.07 4.04
CA MET B 233 -3.43 15.34 3.17
C MET B 233 -3.83 14.02 3.76
N PHE B 234 -2.99 13.35 4.55
CA PHE B 234 -3.44 12.08 5.11
C PHE B 234 -3.90 12.23 6.57
N GLY B 235 -3.88 13.46 7.12
CA GLY B 235 -4.42 13.68 8.46
C GLY B 235 -3.56 13.06 9.55
N GLY B 236 -4.13 13.04 10.75
CA GLY B 236 -3.48 12.43 11.91
C GLY B 236 -2.67 13.35 12.79
N PHE B 237 -2.48 14.61 12.39
CA PHE B 237 -1.78 15.52 13.26
C PHE B 237 -2.79 16.38 13.97
N PRO B 238 -2.76 16.47 15.30
CA PRO B 238 -3.64 17.41 16.00
C PRO B 238 -3.46 18.82 15.48
N ARG B 239 -4.53 19.62 15.63
CA ARG B 239 -4.46 21.03 15.20
C ARG B 239 -3.30 21.79 15.82
N SER B 240 -3.00 21.51 17.08
CA SER B 240 -1.96 22.25 17.78
C SER B 240 -0.58 22.08 17.16
N PHE B 241 -0.35 20.99 16.40
CA PHE B 241 0.92 20.88 15.66
C PHE B 241 1.06 22.03 14.66
N PHE B 242 0.00 22.29 13.89
CA PHE B 242 0.08 23.33 12.85
C PHE B 242 0.05 24.71 13.47
N THR B 243 -0.71 24.88 14.56
CA THR B 243 -0.71 26.17 15.26
C THR B 243 0.69 26.56 15.72
N ALA B 244 1.38 25.59 16.35
CA ALA B 244 2.71 25.86 16.87
C ALA B 244 3.68 26.15 15.75
N TYR B 245 3.60 25.32 14.67
CA TYR B 245 4.48 25.49 13.54
C TYR B 245 4.31 26.87 12.90
N HIS B 246 3.09 27.28 12.60
CA HIS B 246 2.89 28.54 11.87
C HIS B 246 3.01 29.73 12.76
N ARG B 247 3.02 29.55 14.08
CA ARG B 247 3.44 30.70 14.90
C ARG B 247 4.89 31.06 14.63
N LYS B 248 5.75 30.08 14.36
CA LYS B 248 7.14 30.35 14.02
C LYS B 248 7.39 30.62 12.53
N ILE B 249 6.60 29.99 11.64
CA ILE B 249 6.77 30.15 10.19
C ILE B 249 5.38 30.43 9.62
N PRO B 250 5.00 31.68 9.52
CA PRO B 250 3.66 32.01 9.04
C PRO B 250 3.51 31.61 7.59
N LYS B 251 2.26 31.39 7.21
CA LYS B 251 1.99 31.06 5.80
C LYS B 251 2.33 32.22 4.91
N ALA B 252 3.21 31.98 3.94
CA ALA B 252 3.54 33.00 2.92
C ALA B 252 2.39 33.14 1.93
N PRO B 253 2.26 34.28 1.24
CA PRO B 253 1.18 34.39 0.24
C PRO B 253 1.27 33.24 -0.77
N GLY B 254 0.10 32.77 -1.20
CA GLY B 254 0.05 31.65 -2.15
C GLY B 254 0.20 30.29 -1.53
N PHE B 255 0.27 30.20 -0.21
CA PHE B 255 0.41 28.90 0.48
C PHE B 255 -0.65 27.91 0.05
N ASP B 256 -1.92 28.34 -0.02
CA ASP B 256 -2.97 27.36 -0.31
C ASP B 256 -2.84 26.76 -1.72
N GLN B 257 -2.40 27.58 -2.69
CA GLN B 257 -2.20 27.01 -4.03
C GLN B 257 -0.97 26.11 -4.10
N ARG B 258 0.12 26.53 -3.43
CA ARG B 258 1.27 25.63 -3.42
C ARG B 258 0.95 24.33 -2.71
N LEU B 259 0.05 24.38 -1.72
CA LEU B 259 -0.30 23.15 -0.98
C LEU B 259 -0.84 22.13 -1.98
N LEU B 260 -1.67 22.60 -2.92
CA LEU B 260 -2.14 21.69 -3.99
C LEU B 260 -1.00 21.13 -4.81
N LEU B 261 -0.03 21.98 -5.18
CA LEU B 261 1.09 21.50 -5.99
C LEU B 261 1.92 20.45 -5.24
N TYR B 262 2.11 20.67 -3.94
CA TYR B 262 2.88 19.75 -3.14
C TYR B 262 2.09 18.47 -2.89
N GLN B 263 0.77 18.57 -2.75
CA GLN B 263 -0.02 17.35 -2.61
C GLN B 263 -0.07 16.57 -3.91
N LEU B 264 -0.05 17.29 -5.04
CA LEU B 264 0.06 16.60 -6.31
C LEU B 264 1.23 15.63 -6.34
N PHE B 265 2.41 16.10 -5.93
CA PHE B 265 3.53 15.20 -5.89
C PHE B 265 3.20 13.89 -5.18
N ASN B 266 2.54 14.00 -4.02
CA ASN B 266 2.25 12.83 -3.21
C ASN B 266 1.25 11.92 -3.90
N TYR B 267 0.26 12.50 -4.56
CA TYR B 267 -0.70 11.66 -5.33
C TYR B 267 0.00 10.94 -6.46
N LEU B 268 0.92 11.63 -7.19
CA LEU B 268 1.67 10.96 -8.26
C LEU B 268 2.55 9.84 -7.71
N ASN B 269 3.18 10.09 -6.57
CA ASN B 269 3.99 9.06 -5.95
C ASN B 269 3.13 7.86 -5.54
N HIS B 270 1.90 8.11 -5.12
CA HIS B 270 1.03 6.98 -4.76
C HIS B 270 0.52 6.29 -6.01
N TRP B 271 0.31 7.03 -7.10
CA TRP B 271 -0.07 6.38 -8.36
C TRP B 271 1.04 5.43 -8.78
N ASN B 272 2.28 5.90 -8.75
CA ASN B 272 3.40 5.06 -9.13
C ASN B 272 3.53 3.85 -8.20
N HIS B 273 3.35 4.03 -6.89
CA HIS B 273 3.66 2.90 -6.00
C HIS B 273 2.47 1.95 -5.91
N PHE B 274 1.28 2.48 -5.88
CA PHE B 274 0.07 1.74 -5.50
C PHE B 274 -0.94 1.61 -6.62
N GLY B 275 -0.69 2.24 -7.76
CA GLY B 275 -1.54 1.97 -8.92
C GLY B 275 -2.70 2.92 -9.16
N ARG B 276 -3.56 2.46 -10.06
CA ARG B 276 -4.59 3.27 -10.73
C ARG B 276 -5.54 3.98 -9.79
N GLU B 277 -5.72 3.49 -8.56
CA GLU B 277 -6.56 4.16 -7.60
C GLU B 277 -6.20 5.65 -7.48
N TYR B 278 -4.94 5.97 -7.64
CA TYR B 278 -4.47 7.37 -7.43
C TYR B 278 -4.42 8.19 -8.72
N ARG B 279 -4.85 7.65 -9.86
CA ARG B 279 -4.98 8.44 -11.07
C ARG B 279 -5.97 9.57 -10.90
N SER B 280 -7.17 9.27 -10.40
CA SER B 280 -8.18 10.32 -10.31
C SER B 280 -7.74 11.53 -9.46
N PRO B 281 -7.23 11.38 -8.23
CA PRO B 281 -6.81 12.60 -7.48
C PRO B 281 -5.58 13.25 -8.10
N SER B 282 -4.73 12.50 -8.82
CA SER B 282 -3.60 13.16 -9.50
C SER B 282 -4.10 14.11 -10.59
N LEU B 283 -4.95 13.58 -11.49
CA LEU B 283 -5.47 14.40 -12.57
C LEU B 283 -6.34 15.51 -12.03
N GLY B 284 -7.13 15.21 -11.00
CA GLY B 284 -8.03 16.21 -10.45
C GLY B 284 -7.29 17.36 -9.80
N THR B 285 -6.17 17.04 -9.15
CA THR B 285 -5.37 18.11 -8.53
C THR B 285 -4.74 18.99 -9.61
N MET B 286 -4.22 18.39 -10.68
CA MET B 286 -3.74 19.21 -11.78
C MET B 286 -4.85 20.09 -12.36
N ARG B 287 -6.03 19.53 -12.57
CA ARG B 287 -7.11 20.35 -13.12
C ARG B 287 -7.47 21.51 -12.20
N ARG B 288 -7.47 21.26 -10.89
CA ARG B 288 -7.77 22.33 -9.94
C ARG B 288 -6.73 23.44 -10.04
N LEU B 289 -5.47 23.07 -10.19
CA LEU B 289 -4.42 24.07 -10.30
C LEU B 289 -4.52 24.88 -11.59
N LEU B 290 -5.11 24.29 -12.63
CA LEU B 290 -5.19 24.94 -13.93
C LEU B 290 -6.41 25.86 -14.04
N LYS B 291 -7.30 25.82 -13.06
CA LYS B 291 -8.57 26.54 -13.06
C LYS B 291 -8.31 27.98 -12.70
S SO4 C . 15.12 -15.57 5.25
O1 SO4 C . 13.68 -15.28 5.14
O2 SO4 C . 15.89 -14.37 4.87
O3 SO4 C . 15.38 -15.99 6.63
O4 SO4 C . 15.50 -16.65 4.33
S SO4 D . 6.00 -12.12 11.38
O1 SO4 D . 4.86 -11.21 11.24
O2 SO4 D . 7.07 -11.41 12.09
O3 SO4 D . 5.65 -13.30 12.16
O4 SO4 D . 6.53 -12.52 10.07
S SO4 E . 6.53 -8.74 -27.34
O1 SO4 E . 7.88 -9.06 -26.88
O2 SO4 E . 5.58 -9.48 -26.51
O3 SO4 E . 6.28 -7.30 -27.21
O4 SO4 E . 6.39 -9.10 -28.75
S SO4 F . -3.68 -21.19 -32.78
O1 SO4 F . -4.55 -20.31 -32.01
O2 SO4 F . -2.59 -21.72 -31.95
O3 SO4 F . -4.53 -22.26 -33.33
O4 SO4 F . -3.13 -20.39 -33.86
S SO4 G . -1.93 -32.68 -15.22
O1 SO4 G . -2.12 -31.26 -14.93
O2 SO4 G . -1.22 -32.71 -16.49
O3 SO4 G . -1.06 -33.31 -14.23
O4 SO4 G . -3.13 -33.53 -15.31
S SO4 H . 8.17 -24.42 3.66
O1 SO4 H . 7.73 -23.64 4.81
O2 SO4 H . 9.49 -23.96 3.22
O3 SO4 H . 8.23 -25.85 4.02
O4 SO4 H . 7.20 -24.29 2.60
C1 EDO I . -5.95 -4.58 5.94
O1 EDO I . -7.23 -5.14 5.61
C2 EDO I . -5.00 -4.69 4.78
O2 EDO I . -5.70 -4.27 3.60
C1 EDO J . -22.81 -3.62 8.68
O1 EDO J . -21.44 -4.01 8.79
C2 EDO J . -23.06 -3.25 7.23
O2 EDO J . -22.10 -2.24 6.88
C1 EDO K . -14.84 -28.58 -4.80
O1 EDO K . -15.51 -27.35 -5.19
C2 EDO K . -13.98 -29.30 -5.85
O2 EDO K . -13.23 -28.51 -6.81
C1 EDO L . -16.45 -32.69 -8.84
O1 EDO L . -17.37 -32.25 -7.82
C2 EDO L . -15.17 -33.15 -8.21
O2 EDO L . -14.33 -31.99 -8.11
C1 EDO M . -24.71 -7.77 -9.95
O1 EDO M . -24.09 -8.42 -8.85
C2 EDO M . -23.84 -8.10 -11.17
O2 EDO M . -22.53 -7.63 -10.85
C1 EDO N . -0.31 -9.18 -5.08
O1 EDO N . 0.12 -7.88 -5.46
C2 EDO N . -1.74 -9.06 -4.51
O2 EDO N . -2.69 -8.47 -5.45
C1 EDO O . -14.30 13.36 5.58
O1 EDO O . -14.40 14.27 4.47
C2 EDO O . -13.35 13.76 6.73
O2 EDO O . -11.98 13.64 6.34
C1 EDO P . -14.22 -19.99 13.23
O1 EDO P . -14.61 -18.98 12.29
C2 EDO P . -13.43 -21.07 12.54
O2 EDO P . -12.12 -20.53 12.24
S SO4 Q . -7.82 13.46 10.97
O1 SO4 Q . -8.68 13.56 12.18
O2 SO4 Q . -6.75 14.42 11.07
O3 SO4 Q . -7.27 12.09 10.91
O4 SO4 Q . -8.53 13.73 9.69
S SO4 R . -9.82 6.22 -13.18
O1 SO4 R . -11.10 6.19 -12.47
O2 SO4 R . -9.27 7.57 -13.15
O3 SO4 R . -8.88 5.28 -12.52
O4 SO4 R . -10.01 5.82 -14.58
S SO4 S . -10.34 25.79 -5.86
O1 SO4 S . -10.83 26.93 -5.08
O2 SO4 S . -8.88 25.81 -5.87
O3 SO4 S . -10.80 24.54 -5.25
O4 SO4 S . -10.84 25.87 -7.23
S SO4 T . 8.08 1.36 4.96
O1 SO4 T . 8.01 -0.09 4.84
O2 SO4 T . 9.43 1.80 4.59
O3 SO4 T . 7.07 1.91 4.02
O4 SO4 T . 7.88 1.73 6.36
S SO4 U . 21.61 30.03 3.68
O1 SO4 U . 20.41 30.86 3.51
O2 SO4 U . 22.35 30.15 4.97
O3 SO4 U . 21.12 28.68 3.60
O4 SO4 U . 22.48 30.33 2.54
C1 EDO V . 8.18 -2.55 19.17
O1 EDO V . 7.39 -2.44 17.96
C2 EDO V . 7.91 -1.51 20.27
O2 EDO V . 6.97 -1.97 21.27
C1 EDO W . 11.63 28.50 6.53
O1 EDO W . 12.48 28.02 5.47
C2 EDO W . 10.63 29.55 6.05
O2 EDO W . 9.78 29.12 4.94
C1 EDO X . -7.51 18.28 18.47
O1 EDO X . -6.37 18.14 19.30
C2 EDO X . -7.04 18.39 17.05
O2 EDO X . -8.01 17.68 16.31
C1 EDO Y . -2.71 31.27 2.42
O1 EDO Y . -2.59 31.11 0.98
C2 EDO Y . -1.58 32.17 2.91
O2 EDO Y . -1.84 33.49 2.43
C1 EDO Z . 4.30 7.28 3.90
O1 EDO Z . 4.80 8.24 2.97
C2 EDO Z . 5.23 6.06 3.94
O2 EDO Z . 6.52 6.55 4.38
C1 EDO AA . -9.01 19.49 -19.09
O1 EDO AA . -9.05 18.07 -18.85
C2 EDO AA . -9.39 20.20 -17.80
O2 EDO AA . -8.65 21.43 -17.61
C1 EDO BA . -8.02 10.10 23.70
O1 EDO BA . -8.51 9.50 24.90
C2 EDO BA . -7.48 9.00 22.80
O2 EDO BA . -6.38 9.54 22.07
C1 EDO CA . 6.31 5.98 -0.99
O1 EDO CA . 6.49 7.12 -0.11
C2 EDO CA . 4.90 5.41 -0.89
O2 EDO CA . 4.63 5.10 0.48
#